data_2YXL
#
_entry.id   2YXL
#
_cell.length_a   116.621
_cell.length_b   116.621
_cell.length_c   93.684
_cell.angle_alpha   90.00
_cell.angle_beta   90.00
_cell.angle_gamma   120.00
#
_symmetry.space_group_name_H-M   'P 32 2 1'
#
loop_
_entity.id
_entity.type
_entity.pdbx_description
1 polymer '450aa long hypothetical fmu protein'
2 non-polymer SINEFUNGIN
3 water water
#
_entity_poly.entity_id   1
_entity_poly.type   'polypeptide(L)'
_entity_poly.pdbx_seq_one_letter_code
;MEAEKKKLSIPPKGIRAIIEAIRLGEIIKPSQYAKREAFKKHDVEEAWLNRVLTMIFYDIMKKQGLIDKVIKEIVGVTPL
ILDPWLRAALRVAVDIALFHDPSSQTIKNLRWKASDFISSRTHPYVGMYFWDLLDKIFEYKPNPKNELEELEWKYLAPSW
LIERVKGILGDETEDFFRSVNKRHEWISIRVNTLKANVEEVIGELEEDGVEVVRSERVPTILKIKGPYNFDTSSAFNEGK
IIVQEEASAVASIVLDPKPGETVVDLAAAPGGKTTHLAELMKNKGKIYAFDVDKMRMKRLKDFVKRMGIKIVKPLVKDAR
KAPEIIGEEVADKVLLDAPCTSSGTIGKNPELRWRLREDKINEMSQLQRELLESAARLVKPGGRLLYTTCSIFKEENEKN
IRWFLNVHPEFKLVPLKSPYDPGFLEGTMRAWPHRHSTIGFFYALLEKSK
;
_entity_poly.pdbx_strand_id   A
#
loop_
_chem_comp.id
_chem_comp.type
_chem_comp.name
_chem_comp.formula
SFG non-polymer SINEFUNGIN 'C15 H23 N7 O5'
#
# COMPACT_ATOMS: atom_id res chain seq x y z
N LYS A 6 -31.19 -0.49 -13.99
CA LYS A 6 -31.99 -0.66 -12.74
C LYS A 6 -31.09 -0.56 -11.51
N LYS A 7 -30.97 -1.68 -10.77
CA LYS A 7 -30.22 -1.72 -9.52
C LYS A 7 -28.96 -2.58 -9.61
N LEU A 8 -28.42 -2.95 -8.45
CA LEU A 8 -27.21 -3.76 -8.36
C LEU A 8 -27.54 -5.25 -8.27
N SER A 9 -27.22 -5.99 -9.33
CA SER A 9 -27.42 -7.44 -9.36
C SER A 9 -26.08 -8.19 -9.32
N ILE A 10 -25.85 -8.91 -8.22
CA ILE A 10 -24.63 -9.70 -8.05
C ILE A 10 -24.97 -11.18 -8.09
N PRO A 11 -24.34 -11.95 -9.01
CA PRO A 11 -24.51 -13.40 -9.11
C PRO A 11 -23.91 -14.14 -7.91
N PRO A 12 -24.32 -15.41 -7.68
CA PRO A 12 -23.85 -16.20 -6.53
C PRO A 12 -22.34 -16.27 -6.40
N LYS A 13 -21.63 -16.48 -7.51
CA LYS A 13 -20.16 -16.54 -7.51
C LYS A 13 -19.55 -15.19 -7.12
N GLY A 14 -20.27 -14.12 -7.44
CA GLY A 14 -19.85 -12.77 -7.08
C GLY A 14 -19.97 -12.49 -5.61
N ILE A 15 -21.05 -13.02 -5.01
CA ILE A 15 -21.29 -12.88 -3.57
C ILE A 15 -20.21 -13.63 -2.78
N ARG A 16 -19.87 -14.83 -3.22
CA ARG A 16 -18.84 -15.62 -2.57
C ARG A 16 -17.47 -14.98 -2.78
N ALA A 17 -17.33 -14.23 -3.86
CA ALA A 17 -16.07 -13.59 -4.24
C ALA A 17 -15.63 -12.47 -3.29
N ILE A 18 -16.52 -11.50 -3.02
CA ILE A 18 -16.14 -10.38 -2.14
C ILE A 18 -16.00 -10.82 -0.70
N ILE A 19 -16.83 -11.77 -0.28
CA ILE A 19 -16.73 -12.33 1.07
C ILE A 19 -15.33 -12.93 1.27
N GLU A 20 -14.90 -13.77 0.32
CA GLU A 20 -13.58 -14.38 0.39
C GLU A 20 -12.47 -13.33 0.26
N ALA A 21 -12.68 -12.31 -0.55
CA ALA A 21 -11.70 -11.24 -0.72
C ALA A 21 -11.55 -10.41 0.56
N ILE A 22 -12.68 -10.13 1.20
CA ILE A 22 -12.70 -9.36 2.45
C ILE A 22 -12.11 -10.20 3.58
N ARG A 23 -12.43 -11.49 3.60
CA ARG A 23 -11.86 -12.41 4.60
C ARG A 23 -10.35 -12.54 4.43
N LEU A 24 -9.91 -12.81 3.20
CA LEU A 24 -8.48 -12.99 2.93
C LEU A 24 -7.70 -11.68 3.06
N GLY A 25 -8.37 -10.56 2.84
CA GLY A 25 -7.76 -9.24 2.96
C GLY A 25 -7.29 -8.92 4.37
N GLU A 26 -7.82 -9.69 5.33
CA GLU A 26 -7.47 -9.51 6.73
C GLU A 26 -6.13 -10.16 7.05
N ILE A 27 -5.78 -11.21 6.30
CA ILE A 27 -4.55 -11.97 6.56
C ILE A 27 -3.49 -11.87 5.46
N ILE A 28 -3.88 -11.42 4.28
CA ILE A 28 -2.93 -11.23 3.18
C ILE A 28 -2.78 -9.74 2.87
N LYS A 29 -1.55 -9.23 3.05
CA LYS A 29 -1.25 -7.82 2.80
C LYS A 29 -0.13 -7.69 1.76
N PRO A 30 -0.26 -6.72 0.83
CA PRO A 30 -1.41 -5.81 0.68
C PRO A 30 -2.64 -6.54 0.15
N SER A 31 -3.82 -6.02 0.49
CA SER A 31 -5.10 -6.69 0.24
C SER A 31 -5.43 -6.96 -1.25
N GLN A 32 -4.72 -6.28 -2.15
CA GLN A 32 -4.86 -6.52 -3.59
C GLN A 32 -4.59 -7.98 -3.95
N TYR A 33 -3.56 -8.57 -3.34
CA TYR A 33 -3.23 -9.98 -3.52
C TYR A 33 -4.38 -10.90 -3.10
N ALA A 34 -5.09 -10.49 -2.06
CA ALA A 34 -6.26 -11.22 -1.56
C ALA A 34 -7.43 -11.12 -2.53
N LYS A 35 -7.65 -9.91 -3.06
CA LYS A 35 -8.70 -9.67 -4.04
C LYS A 35 -8.45 -10.49 -5.29
N ARG A 36 -7.22 -10.46 -5.79
CA ARG A 36 -6.82 -11.24 -6.97
C ARG A 36 -7.07 -12.73 -6.74
N GLU A 37 -6.58 -13.25 -5.62
CA GLU A 37 -6.72 -14.66 -5.26
C GLU A 37 -8.18 -15.10 -5.23
N ALA A 38 -9.03 -14.32 -4.56
CA ALA A 38 -10.44 -14.65 -4.39
C ALA A 38 -11.21 -14.62 -5.70
N PHE A 39 -10.89 -13.64 -6.54
CA PHE A 39 -11.56 -13.45 -7.82
C PHE A 39 -11.25 -14.57 -8.82
N LYS A 40 -10.00 -15.03 -8.82
CA LYS A 40 -9.58 -16.14 -9.67
C LYS A 40 -10.11 -17.48 -9.16
N LYS A 41 -10.27 -17.56 -7.84
CA LYS A 41 -10.81 -18.76 -7.19
C LYS A 41 -12.27 -18.96 -7.56
N HIS A 42 -13.02 -17.85 -7.59
CA HIS A 42 -14.47 -17.89 -7.83
C HIS A 42 -14.86 -17.55 -9.27
N ASP A 43 -13.87 -17.52 -10.16
CA ASP A 43 -14.07 -17.32 -11.60
C ASP A 43 -14.80 -16.02 -11.97
N VAL A 44 -14.22 -14.88 -11.56
CA VAL A 44 -14.73 -13.58 -11.96
C VAL A 44 -14.02 -13.17 -13.26
N GLU A 45 -14.55 -13.65 -14.37
CA GLU A 45 -13.97 -13.40 -15.69
C GLU A 45 -14.47 -12.08 -16.27
N GLU A 46 -15.76 -11.81 -16.07
CA GLU A 46 -16.42 -10.61 -16.60
C GLU A 46 -15.82 -9.33 -16.03
N ALA A 47 -15.52 -8.39 -16.91
CA ALA A 47 -14.95 -7.10 -16.54
C ALA A 47 -15.94 -6.23 -15.78
N TRP A 48 -17.23 -6.35 -16.11
CA TRP A 48 -18.28 -5.59 -15.45
C TRP A 48 -18.44 -6.02 -13.99
N LEU A 49 -18.40 -7.33 -13.75
CA LEU A 49 -18.47 -7.87 -12.40
C LEU A 49 -17.19 -7.57 -11.64
N ASN A 50 -16.04 -7.74 -12.31
CA ASN A 50 -14.74 -7.43 -11.74
C ASN A 50 -14.68 -6.00 -11.23
N ARG A 51 -15.23 -5.06 -12.02
CA ARG A 51 -15.28 -3.65 -11.66
C ARG A 51 -16.18 -3.40 -10.45
N VAL A 52 -17.42 -3.89 -10.52
CA VAL A 52 -18.40 -3.73 -9.46
C VAL A 52 -17.91 -4.29 -8.11
N LEU A 53 -17.37 -5.51 -8.13
CA LEU A 53 -16.88 -6.16 -6.93
C LEU A 53 -15.63 -5.50 -6.38
N THR A 54 -14.77 -4.98 -7.28
CA THR A 54 -13.58 -4.22 -6.89
C THR A 54 -13.97 -2.91 -6.20
N MET A 55 -14.96 -2.23 -6.76
CA MET A 55 -15.51 -1.01 -6.18
C MET A 55 -16.05 -1.27 -4.75
N ILE A 56 -16.81 -2.36 -4.60
CA ILE A 56 -17.35 -2.74 -3.29
C ILE A 56 -16.22 -3.10 -2.31
N PHE A 57 -15.23 -3.85 -2.80
CA PHE A 57 -14.05 -4.21 -2.03
C PHE A 57 -13.40 -3.00 -1.36
N TYR A 58 -13.08 -1.99 -2.16
CA TYR A 58 -12.44 -0.77 -1.64
C TYR A 58 -13.39 0.09 -0.80
N ASP A 59 -14.69 0.03 -1.09
CA ASP A 59 -15.67 0.74 -0.28
C ASP A 59 -15.72 0.16 1.14
N ILE A 60 -15.63 -1.16 1.25
CA ILE A 60 -15.59 -1.84 2.56
C ILE A 60 -14.29 -1.51 3.29
N MET A 61 -13.15 -1.62 2.61
CA MET A 61 -11.85 -1.31 3.19
C MET A 61 -11.82 0.13 3.72
N LYS A 62 -12.30 1.06 2.90
CA LYS A 62 -12.32 2.48 3.22
C LYS A 62 -13.19 2.80 4.45
N LYS A 63 -14.33 2.13 4.59
CA LYS A 63 -15.30 2.44 5.64
C LYS A 63 -15.32 1.38 6.75
N GLN A 64 -14.31 0.51 6.77
CA GLN A 64 -14.27 -0.66 7.64
C GLN A 64 -14.66 -0.36 9.09
N GLY A 65 -14.03 0.65 9.67
CA GLY A 65 -14.26 1.03 11.05
C GLY A 65 -15.67 1.51 11.32
N LEU A 66 -16.27 2.16 10.32
CA LEU A 66 -17.63 2.66 10.44
C LEU A 66 -18.64 1.51 10.27
N ILE A 67 -18.37 0.63 9.31
CA ILE A 67 -19.15 -0.59 9.12
C ILE A 67 -19.17 -1.43 10.40
N ASP A 68 -18.01 -1.58 11.03
CA ASP A 68 -17.88 -2.34 12.28
C ASP A 68 -18.74 -1.75 13.41
N LYS A 69 -18.75 -0.42 13.54
CA LYS A 69 -19.60 0.25 14.52
C LYS A 69 -21.09 -0.04 14.30
N VAL A 70 -21.49 -0.16 13.04
CA VAL A 70 -22.87 -0.53 12.70
C VAL A 70 -23.14 -1.98 13.10
N ILE A 71 -22.20 -2.88 12.78
CA ILE A 71 -22.31 -4.29 13.16
C ILE A 71 -22.48 -4.44 14.66
N LYS A 72 -21.71 -3.67 15.44
CA LYS A 72 -21.81 -3.69 16.90
C LYS A 72 -23.19 -3.27 17.40
N GLU A 73 -23.80 -2.27 16.76
CA GLU A 73 -25.13 -1.80 17.12
C GLU A 73 -26.18 -2.88 16.89
N ILE A 74 -26.06 -3.58 15.76
CA ILE A 74 -27.02 -4.62 15.37
C ILE A 74 -26.81 -5.90 16.18
N VAL A 75 -25.57 -6.36 16.21
CA VAL A 75 -25.21 -7.65 16.80
C VAL A 75 -25.08 -7.60 18.33
N GLY A 76 -24.55 -6.51 18.86
CA GLY A 76 -24.36 -6.35 20.30
C GLY A 76 -22.93 -6.32 20.77
N VAL A 77 -22.02 -6.85 19.94
CA VAL A 77 -20.59 -6.88 20.25
C VAL A 77 -19.75 -6.46 19.05
N THR A 78 -18.49 -6.10 19.29
CA THR A 78 -17.55 -5.86 18.19
C THR A 78 -17.47 -7.10 17.29
N PRO A 79 -17.46 -6.87 15.95
CA PRO A 79 -17.29 -8.00 15.03
C PRO A 79 -15.92 -8.66 15.14
N LEU A 80 -15.00 -8.01 15.85
CA LEU A 80 -13.64 -8.51 16.01
C LEU A 80 -13.54 -9.81 16.82
N ILE A 81 -14.51 -10.06 17.71
CA ILE A 81 -14.53 -11.31 18.50
C ILE A 81 -15.19 -12.48 17.77
N LEU A 82 -15.79 -12.18 16.62
CA LEU A 82 -16.50 -13.16 15.82
C LEU A 82 -15.56 -13.92 14.88
N ASP A 83 -16.03 -15.07 14.40
CA ASP A 83 -15.36 -15.86 13.36
C ASP A 83 -15.07 -15.00 12.10
N PRO A 84 -13.90 -15.22 11.46
CA PRO A 84 -13.44 -14.39 10.33
C PRO A 84 -14.38 -14.40 9.11
N TRP A 85 -15.01 -15.53 8.83
CA TRP A 85 -15.93 -15.63 7.70
C TRP A 85 -17.22 -14.90 7.99
N LEU A 86 -17.70 -15.02 9.22
CA LEU A 86 -18.87 -14.28 9.67
C LEU A 86 -18.63 -12.78 9.60
N ARG A 87 -17.52 -12.32 10.18
CA ARG A 87 -17.16 -10.90 10.15
C ARG A 87 -17.12 -10.36 8.73
N ALA A 88 -16.47 -11.09 7.83
CA ALA A 88 -16.37 -10.71 6.42
C ALA A 88 -17.75 -10.64 5.77
N ALA A 89 -18.59 -11.63 6.03
CA ALA A 89 -19.93 -11.65 5.46
C ALA A 89 -20.77 -10.48 5.97
N LEU A 90 -20.68 -10.20 7.27
CA LEU A 90 -21.41 -9.10 7.88
C LEU A 90 -20.98 -7.75 7.30
N ARG A 91 -19.67 -7.59 7.09
CA ARG A 91 -19.13 -6.38 6.48
C ARG A 91 -19.65 -6.17 5.05
N VAL A 92 -19.65 -7.24 4.28
CA VAL A 92 -20.16 -7.23 2.92
C VAL A 92 -21.64 -6.85 2.88
N ALA A 93 -22.44 -7.47 3.76
CA ALA A 93 -23.88 -7.25 3.80
C ALA A 93 -24.25 -5.83 4.25
N VAL A 94 -23.57 -5.33 5.28
CA VAL A 94 -23.81 -3.99 5.80
C VAL A 94 -23.46 -2.92 4.76
N ASP A 95 -22.33 -3.11 4.08
CA ASP A 95 -21.91 -2.20 3.03
C ASP A 95 -22.87 -2.18 1.84
N ILE A 96 -23.33 -3.36 1.43
CA ILE A 96 -24.25 -3.48 0.32
C ILE A 96 -25.62 -2.87 0.66
N ALA A 97 -26.09 -3.14 1.87
CA ALA A 97 -27.39 -2.63 2.33
C ALA A 97 -27.41 -1.12 2.54
N LEU A 98 -26.34 -0.57 3.08
CA LEU A 98 -26.28 0.86 3.38
C LEU A 98 -25.94 1.74 2.19
N PHE A 99 -25.13 1.24 1.28
CA PHE A 99 -24.52 2.11 0.26
C PHE A 99 -24.83 1.78 -1.20
N HIS A 100 -25.09 0.52 -1.52
CA HIS A 100 -25.12 0.10 -2.92
C HIS A 100 -26.48 -0.30 -3.48
N ASP A 101 -27.54 -0.10 -2.69
CA ASP A 101 -28.93 -0.32 -3.12
C ASP A 101 -29.10 -1.58 -4.01
N PRO A 102 -29.00 -2.78 -3.40
CA PRO A 102 -29.04 -4.04 -4.14
C PRO A 102 -30.43 -4.36 -4.70
N SER A 103 -30.46 -5.11 -5.80
CA SER A 103 -31.71 -5.63 -6.36
C SER A 103 -32.16 -6.83 -5.56
N SER A 104 -33.45 -7.16 -5.65
CA SER A 104 -34.04 -8.29 -4.91
C SER A 104 -33.28 -9.60 -5.05
N GLN A 105 -32.72 -9.84 -6.24
CA GLN A 105 -31.92 -11.04 -6.49
C GLN A 105 -30.63 -11.05 -5.67
N THR A 106 -29.97 -9.89 -5.59
CA THR A 106 -28.75 -9.74 -4.81
C THR A 106 -28.99 -9.99 -3.32
N ILE A 107 -30.09 -9.44 -2.79
CA ILE A 107 -30.44 -9.64 -1.38
C ILE A 107 -30.84 -11.10 -1.14
N LYS A 108 -31.42 -11.74 -2.16
CA LYS A 108 -31.73 -13.16 -2.13
C LYS A 108 -30.45 -14.00 -2.10
N ASN A 109 -29.46 -13.62 -2.92
CA ASN A 109 -28.18 -14.32 -2.96
C ASN A 109 -27.38 -14.13 -1.67
N LEU A 110 -27.52 -12.95 -1.05
CA LEU A 110 -26.95 -12.72 0.28
C LEU A 110 -27.58 -13.63 1.32
N ARG A 111 -28.89 -13.82 1.22
CA ARG A 111 -29.62 -14.64 2.19
C ARG A 111 -29.30 -16.13 2.06
N TRP A 112 -29.25 -16.63 0.83
CA TRP A 112 -29.11 -18.07 0.60
C TRP A 112 -27.70 -18.52 0.24
N LYS A 113 -27.03 -17.81 -0.67
CA LYS A 113 -25.73 -18.25 -1.15
C LYS A 113 -24.57 -17.86 -0.23
N ALA A 114 -24.69 -16.70 0.41
CA ALA A 114 -23.68 -16.24 1.37
C ALA A 114 -23.71 -17.05 2.66
N SER A 115 -24.92 -17.30 3.16
CA SER A 115 -25.13 -18.13 4.35
C SER A 115 -24.53 -19.51 4.14
N ASP A 116 -24.79 -20.08 2.96
CA ASP A 116 -24.31 -21.43 2.64
C ASP A 116 -22.79 -21.47 2.49
N PHE A 117 -22.24 -20.43 1.86
CA PHE A 117 -20.81 -20.35 1.60
C PHE A 117 -19.99 -20.29 2.89
N ILE A 118 -20.38 -19.45 3.83
CA ILE A 118 -19.63 -19.32 5.08
C ILE A 118 -19.81 -20.53 6.00
N SER A 119 -20.97 -21.20 5.88
CA SER A 119 -21.20 -22.49 6.52
C SER A 119 -20.22 -23.55 6.05
N SER A 120 -20.01 -23.64 4.74
CA SER A 120 -19.09 -24.62 4.16
C SER A 120 -17.62 -24.35 4.53
N ARG A 121 -17.30 -23.08 4.80
CA ARG A 121 -15.97 -22.71 5.25
C ARG A 121 -15.80 -22.86 6.76
N THR A 122 -16.91 -22.97 7.49
CA THR A 122 -16.86 -23.04 8.96
C THR A 122 -17.77 -24.15 9.51
N HIS A 123 -18.98 -23.78 9.92
CA HIS A 123 -19.94 -24.71 10.50
C HIS A 123 -21.35 -24.20 10.16
N PRO A 124 -22.32 -25.11 9.97
CA PRO A 124 -23.71 -24.69 9.72
C PRO A 124 -24.26 -23.61 10.67
N TYR A 125 -23.87 -23.64 11.94
CA TYR A 125 -24.36 -22.68 12.93
C TYR A 125 -24.01 -21.22 12.61
N VAL A 126 -22.86 -20.99 11.99
CA VAL A 126 -22.45 -19.61 11.65
C VAL A 126 -23.21 -19.05 10.45
N GLY A 127 -23.49 -19.90 9.47
CA GLY A 127 -24.37 -19.54 8.36
C GLY A 127 -25.77 -19.22 8.84
N MET A 128 -26.26 -20.03 9.78
CA MET A 128 -27.58 -19.83 10.39
C MET A 128 -27.65 -18.50 11.12
N TYR A 129 -26.62 -18.21 11.92
CA TYR A 129 -26.53 -16.96 12.68
C TYR A 129 -26.56 -15.75 11.74
N PHE A 130 -25.83 -15.85 10.64
CA PHE A 130 -25.84 -14.82 9.60
C PHE A 130 -27.25 -14.64 9.03
N TRP A 131 -27.86 -15.77 8.66
CA TRP A 131 -29.21 -15.82 8.13
C TRP A 131 -30.20 -15.12 9.05
N ASP A 132 -30.05 -15.34 10.35
CA ASP A 132 -30.88 -14.72 11.39
C ASP A 132 -30.69 -13.20 11.51
N LEU A 133 -29.55 -12.70 11.06
CA LEU A 133 -29.23 -11.27 11.19
C LEU A 133 -29.60 -10.43 9.97
N LEU A 134 -29.77 -11.07 8.81
CA LEU A 134 -29.96 -10.36 7.56
C LEU A 134 -31.03 -9.26 7.57
N ASP A 135 -32.22 -9.58 8.08
CA ASP A 135 -33.34 -8.63 8.15
C ASP A 135 -33.02 -7.40 9.00
N LYS A 136 -32.37 -7.61 10.14
CA LYS A 136 -31.94 -6.51 11.01
C LYS A 136 -31.02 -5.54 10.27
N ILE A 137 -30.11 -6.09 9.46
CA ILE A 137 -29.18 -5.30 8.66
C ILE A 137 -29.91 -4.48 7.60
N PHE A 138 -30.87 -5.09 6.91
CA PHE A 138 -31.63 -4.39 5.87
C PHE A 138 -32.64 -3.38 6.40
N GLU A 139 -32.95 -3.48 7.70
CA GLU A 139 -33.87 -2.57 8.35
C GLU A 139 -33.18 -1.52 9.23
N TYR A 140 -31.84 -1.58 9.29
CA TYR A 140 -31.07 -0.69 10.14
C TYR A 140 -31.14 0.77 9.71
N LYS A 141 -31.52 1.63 10.66
CA LYS A 141 -31.56 3.08 10.42
C LYS A 141 -30.25 3.79 10.83
N PRO A 142 -29.50 4.28 9.83
CA PRO A 142 -28.22 4.97 10.06
C PRO A 142 -28.41 6.26 10.83
N ASN A 143 -27.82 6.32 12.03
CA ASN A 143 -28.04 7.43 12.95
C ASN A 143 -26.74 7.99 13.54
N PRO A 144 -26.11 8.96 12.83
CA PRO A 144 -24.95 9.65 13.40
C PRO A 144 -25.37 10.79 14.34
N LYS A 145 -25.17 10.58 15.64
CA LYS A 145 -25.59 11.52 16.68
C LYS A 145 -24.48 12.53 17.03
N ASN A 146 -23.32 12.01 17.45
CA ASN A 146 -22.21 12.84 17.91
C ASN A 146 -21.66 13.77 16.83
N GLU A 147 -21.06 14.87 17.27
CA GLU A 147 -20.31 15.75 16.39
C GLU A 147 -19.04 15.02 15.93
N LEU A 148 -18.56 14.11 16.76
CA LEU A 148 -17.43 13.23 16.46
C LEU A 148 -17.81 12.18 15.40
N GLU A 149 -18.98 11.57 15.57
CA GLU A 149 -19.47 10.57 14.62
C GLU A 149 -19.80 11.19 13.27
N GLU A 150 -20.31 12.42 13.30
CA GLU A 150 -20.59 13.19 12.07
C GLU A 150 -19.29 13.50 11.33
N LEU A 151 -18.25 13.85 12.09
CA LEU A 151 -16.92 14.13 11.55
C LEU A 151 -16.29 12.90 10.91
N GLU A 152 -16.38 11.77 11.63
CA GLU A 152 -15.80 10.50 11.16
C GLU A 152 -16.46 10.01 9.86
N TRP A 153 -17.75 10.31 9.70
CA TRP A 153 -18.49 9.91 8.50
C TRP A 153 -18.19 10.78 7.27
N LYS A 154 -17.77 12.02 7.48
CA LYS A 154 -17.42 12.90 6.36
C LYS A 154 -16.06 12.58 5.76
N TYR A 155 -15.08 12.28 6.61
CA TYR A 155 -13.73 11.97 6.13
C TYR A 155 -13.50 10.48 5.95
N LEU A 156 -14.43 9.66 6.44
CA LEU A 156 -14.29 8.20 6.46
C LEU A 156 -12.98 7.78 7.14
N ALA A 157 -12.78 8.29 8.35
CA ALA A 157 -11.53 8.11 9.09
C ALA A 157 -11.76 8.20 10.60
N PRO A 158 -10.92 7.52 11.40
CA PRO A 158 -11.08 7.62 12.86
C PRO A 158 -10.68 9.00 13.36
N SER A 159 -11.32 9.43 14.44
CA SER A 159 -11.15 10.78 15.00
C SER A 159 -9.69 11.14 15.33
N TRP A 160 -8.94 10.18 15.85
CA TRP A 160 -7.53 10.40 16.20
C TRP A 160 -6.68 10.72 14.97
N LEU A 161 -6.98 10.06 13.84
CA LEU A 161 -6.26 10.29 12.59
C LEU A 161 -6.61 11.66 12.03
N ILE A 162 -7.90 11.97 11.99
CA ILE A 162 -8.39 13.27 11.53
C ILE A 162 -7.70 14.40 12.30
N GLU A 163 -7.62 14.23 13.62
CA GLU A 163 -6.96 15.20 14.48
C GLU A 163 -5.47 15.32 14.15
N ARG A 164 -4.82 14.16 14.01
CA ARG A 164 -3.39 14.09 13.71
C ARG A 164 -3.04 14.69 12.35
N VAL A 165 -3.91 14.48 11.35
CA VAL A 165 -3.74 15.09 10.02
C VAL A 165 -3.92 16.61 10.09
N LYS A 166 -4.92 17.06 10.84
CA LYS A 166 -5.15 18.50 11.06
C LYS A 166 -3.94 19.22 11.63
N GLY A 167 -3.21 18.56 12.53
CA GLY A 167 -1.97 19.09 13.10
C GLY A 167 -0.83 19.20 12.10
N ILE A 168 -0.98 18.53 10.96
CA ILE A 168 0.06 18.53 9.92
C ILE A 168 -0.32 19.39 8.72
N LEU A 169 -1.59 19.32 8.29
CA LEU A 169 -2.02 19.97 7.06
C LEU A 169 -2.93 21.20 7.24
N GLY A 170 -3.64 21.25 8.37
CA GLY A 170 -4.54 22.36 8.68
C GLY A 170 -5.68 22.52 7.68
N ASP A 171 -5.62 23.61 6.91
CA ASP A 171 -6.63 23.92 5.89
C ASP A 171 -6.76 22.84 4.82
N GLU A 172 -5.67 22.12 4.58
CA GLU A 172 -5.61 21.11 3.52
C GLU A 172 -6.14 19.73 3.94
N THR A 173 -6.56 19.60 5.19
CA THR A 173 -7.04 18.33 5.74
C THR A 173 -8.20 17.73 4.94
N GLU A 174 -9.18 18.55 4.60
CA GLU A 174 -10.35 18.11 3.83
C GLU A 174 -9.94 17.58 2.45
N ASP A 175 -9.07 18.32 1.77
CA ASP A 175 -8.58 17.93 0.45
C ASP A 175 -7.78 16.62 0.48
N PHE A 176 -6.98 16.44 1.54
CA PHE A 176 -6.22 15.21 1.74
C PHE A 176 -7.14 14.00 1.80
N PHE A 177 -8.18 14.08 2.64
CA PHE A 177 -9.12 12.98 2.78
C PHE A 177 -9.96 12.77 1.53
N ARG A 178 -10.27 13.86 0.82
CA ARG A 178 -10.91 13.74 -0.49
C ARG A 178 -10.06 12.92 -1.47
N SER A 179 -8.77 13.25 -1.57
CA SER A 179 -7.86 12.54 -2.46
C SER A 179 -7.64 11.06 -2.10
N VAL A 180 -7.68 10.71 -0.81
CA VAL A 180 -7.57 9.31 -0.39
C VAL A 180 -8.92 8.59 -0.36
N ASN A 181 -10.00 9.32 -0.64
CA ASN A 181 -11.34 8.75 -0.72
C ASN A 181 -11.89 8.53 -2.13
N LYS A 182 -11.21 9.08 -3.14
CA LYS A 182 -11.70 9.03 -4.52
C LYS A 182 -11.53 7.67 -5.20
N ARG A 183 -12.51 7.33 -6.03
CA ARG A 183 -12.57 6.07 -6.79
C ARG A 183 -13.09 6.33 -8.21
N HIS A 184 -12.28 6.20 -9.27
CA HIS A 184 -10.84 5.89 -9.30
C HIS A 184 -10.47 4.39 -9.35
N GLU A 185 -9.81 4.00 -10.46
CA GLU A 185 -9.42 2.61 -10.72
C GLU A 185 -8.00 2.52 -11.32
N TRP A 186 -7.08 3.36 -10.87
CA TRP A 186 -5.76 3.46 -11.50
C TRP A 186 -4.63 2.71 -10.76
N ILE A 187 -3.77 2.07 -11.55
CA ILE A 187 -2.64 1.30 -11.04
C ILE A 187 -1.36 1.90 -11.59
N SER A 188 -0.38 2.09 -10.72
CA SER A 188 0.90 2.68 -11.09
C SER A 188 1.96 1.58 -11.28
N ILE A 189 2.64 1.61 -12.43
CA ILE A 189 3.69 0.63 -12.75
C ILE A 189 4.96 1.31 -13.26
N ARG A 190 6.09 0.64 -13.07
CA ARG A 190 7.37 1.11 -13.62
C ARG A 190 7.83 0.20 -14.74
N VAL A 191 8.34 0.81 -15.80
CA VAL A 191 8.90 0.05 -16.93
C VAL A 191 10.37 -0.26 -16.68
N ASN A 192 10.71 -1.54 -16.78
CA ASN A 192 12.09 -2.01 -16.60
C ASN A 192 12.94 -1.68 -17.84
N THR A 193 13.67 -0.57 -17.76
CA THR A 193 14.51 -0.08 -18.87
C THR A 193 15.60 -1.08 -19.26
N LEU A 194 15.94 -1.96 -18.32
CA LEU A 194 16.96 -2.98 -18.53
C LEU A 194 16.49 -4.07 -19.48
N LYS A 195 15.18 -4.15 -19.71
CA LYS A 195 14.59 -5.22 -20.50
C LYS A 195 13.57 -4.76 -21.54
N ALA A 196 13.12 -3.50 -21.41
CA ALA A 196 12.11 -2.93 -22.32
C ALA A 196 12.19 -1.40 -22.35
N ASN A 197 11.59 -0.78 -23.36
CA ASN A 197 11.42 0.67 -23.37
C ASN A 197 9.95 1.09 -23.25
N VAL A 198 9.73 2.33 -22.84
CA VAL A 198 8.40 2.83 -22.45
C VAL A 198 7.33 2.70 -23.56
N GLU A 199 7.61 3.26 -24.73
CA GLU A 199 6.64 3.27 -25.83
C GLU A 199 6.22 1.87 -26.26
N GLU A 200 7.18 0.95 -26.30
CA GLU A 200 6.94 -0.45 -26.61
C GLU A 200 5.94 -1.07 -25.62
N VAL A 201 6.12 -0.75 -24.34
CA VAL A 201 5.21 -1.21 -23.27
C VAL A 201 3.83 -0.56 -23.42
N ILE A 202 3.80 0.76 -23.61
CA ILE A 202 2.55 1.50 -23.83
C ILE A 202 1.74 0.88 -24.98
N GLY A 203 2.41 0.61 -26.11
CA GLY A 203 1.78 -0.02 -27.27
C GLY A 203 1.19 -1.39 -26.97
N GLU A 204 1.94 -2.21 -26.22
CA GLU A 204 1.49 -3.55 -25.84
C GLU A 204 0.29 -3.49 -24.90
N LEU A 205 0.26 -2.48 -24.03
CA LEU A 205 -0.87 -2.25 -23.13
C LEU A 205 -2.09 -1.73 -23.89
N GLU A 206 -1.87 -0.79 -24.81
CA GLU A 206 -2.93 -0.25 -25.64
C GLU A 206 -3.39 -1.25 -26.71
N GLU A 207 -2.63 -2.34 -26.88
CA GLU A 207 -3.03 -3.45 -27.74
C GLU A 207 -4.19 -4.21 -27.08
N ASP A 208 -4.17 -4.27 -25.75
CA ASP A 208 -5.32 -4.67 -24.95
C ASP A 208 -6.27 -3.47 -24.82
N GLY A 209 -7.31 -3.61 -24.00
CA GLY A 209 -8.20 -2.50 -23.71
C GLY A 209 -7.76 -1.72 -22.49
N VAL A 210 -6.47 -1.40 -22.43
CA VAL A 210 -5.90 -0.74 -21.25
C VAL A 210 -5.61 0.73 -21.53
N GLU A 211 -6.25 1.60 -20.76
CA GLU A 211 -6.04 3.04 -20.81
C GLU A 211 -4.76 3.38 -20.04
N VAL A 212 -3.84 4.07 -20.71
CA VAL A 212 -2.50 4.36 -20.16
C VAL A 212 -2.20 5.85 -20.14
N VAL A 213 -1.71 6.34 -19.00
CA VAL A 213 -1.23 7.72 -18.88
C VAL A 213 0.19 7.75 -18.30
N ARG A 214 1.10 8.34 -19.08
CA ARG A 214 2.51 8.43 -18.74
C ARG A 214 2.74 9.54 -17.72
N SER A 215 3.57 9.24 -16.71
CA SER A 215 3.93 10.22 -15.67
C SER A 215 4.80 11.33 -16.23
N GLU A 216 4.51 12.56 -15.84
CA GLU A 216 5.27 13.73 -16.26
C GLU A 216 6.51 13.95 -15.42
N ARG A 217 6.53 13.33 -14.24
CA ARG A 217 7.63 13.51 -13.28
C ARG A 217 8.71 12.45 -13.45
N VAL A 218 8.28 11.21 -13.69
CA VAL A 218 9.21 10.14 -14.06
C VAL A 218 8.62 9.31 -15.22
N PRO A 219 9.10 9.58 -16.45
CA PRO A 219 8.59 9.03 -17.70
C PRO A 219 8.64 7.50 -17.82
N THR A 220 9.24 6.83 -16.84
CA THR A 220 9.22 5.36 -16.81
C THR A 220 8.04 4.83 -15.99
N ILE A 221 7.32 5.74 -15.34
CA ILE A 221 6.12 5.41 -14.59
C ILE A 221 4.86 5.57 -15.46
N LEU A 222 4.01 4.55 -15.45
CA LEU A 222 2.75 4.60 -16.18
C LEU A 222 1.59 4.35 -15.24
N LYS A 223 0.53 5.14 -15.40
CA LYS A 223 -0.72 4.87 -14.73
C LYS A 223 -1.65 4.15 -15.70
N ILE A 224 -2.11 2.97 -15.31
CA ILE A 224 -3.02 2.18 -16.13
C ILE A 224 -4.36 2.01 -15.42
N LYS A 225 -5.44 2.09 -16.19
CA LYS A 225 -6.79 1.98 -15.64
C LYS A 225 -7.17 0.51 -15.51
N GLY A 226 -7.38 0.07 -14.27
CA GLY A 226 -7.77 -1.30 -13.97
C GLY A 226 -9.14 -1.67 -14.55
N PRO A 227 -9.52 -2.96 -14.45
CA PRO A 227 -8.74 -4.04 -13.87
C PRO A 227 -7.68 -4.60 -14.84
N TYR A 228 -6.55 -5.03 -14.29
CA TYR A 228 -5.47 -5.58 -15.09
C TYR A 228 -4.89 -6.84 -14.44
N ASN A 229 -4.97 -7.95 -15.17
CA ASN A 229 -4.47 -9.23 -14.68
C ASN A 229 -2.96 -9.37 -14.93
N PHE A 230 -2.19 -9.39 -13.84
CA PHE A 230 -0.73 -9.45 -13.91
C PHE A 230 -0.18 -10.86 -14.16
N ASP A 231 -0.88 -11.89 -13.69
CA ASP A 231 -0.42 -13.27 -13.88
C ASP A 231 -0.80 -13.89 -15.22
N THR A 232 -1.40 -13.09 -16.10
CA THR A 232 -1.65 -13.48 -17.49
C THR A 232 -1.03 -12.47 -18.46
N SER A 233 -0.44 -11.41 -17.89
CA SER A 233 0.21 -10.36 -18.67
C SER A 233 1.56 -10.81 -19.24
N SER A 234 1.75 -10.60 -20.53
CA SER A 234 3.01 -10.92 -21.20
C SER A 234 4.13 -10.01 -20.69
N ALA A 235 3.82 -8.73 -20.54
CA ALA A 235 4.78 -7.72 -20.09
C ALA A 235 5.31 -8.01 -18.68
N PHE A 236 4.43 -8.48 -17.79
CA PHE A 236 4.82 -8.77 -16.42
C PHE A 236 5.65 -10.05 -16.30
N ASN A 237 5.22 -11.10 -17.00
CA ASN A 237 5.88 -12.41 -16.93
C ASN A 237 7.23 -12.44 -17.65
N GLU A 238 7.49 -11.43 -18.47
CA GLU A 238 8.78 -11.26 -19.12
C GLU A 238 9.66 -10.27 -18.34
N GLY A 239 9.08 -9.68 -17.29
CA GLY A 239 9.81 -8.79 -16.40
C GLY A 239 10.02 -7.39 -16.96
N LYS A 240 9.08 -6.93 -17.77
CA LYS A 240 9.16 -5.61 -18.39
C LYS A 240 8.54 -4.53 -17.50
N ILE A 241 7.64 -4.94 -16.62
CA ILE A 241 6.92 -4.01 -15.73
C ILE A 241 6.83 -4.51 -14.28
N ILE A 242 6.79 -3.56 -13.34
CA ILE A 242 6.63 -3.86 -11.92
C ILE A 242 5.72 -2.80 -11.27
N VAL A 243 4.88 -3.24 -10.33
CA VAL A 243 3.97 -2.31 -9.63
C VAL A 243 4.77 -1.43 -8.67
N GLN A 244 4.75 -0.13 -8.91
CA GLN A 244 5.43 0.85 -8.06
C GLN A 244 4.77 2.22 -8.20
N GLU A 245 4.60 2.89 -7.07
CA GLU A 245 4.09 4.25 -7.05
C GLU A 245 5.13 5.23 -7.57
N GLU A 246 4.65 6.34 -8.14
CA GLU A 246 5.52 7.39 -8.67
C GLU A 246 6.52 7.88 -7.60
N ALA A 247 6.02 8.13 -6.40
CA ALA A 247 6.84 8.61 -5.27
C ALA A 247 8.00 7.66 -4.95
N SER A 248 7.73 6.34 -5.02
CA SER A 248 8.75 5.33 -4.78
C SER A 248 9.82 5.29 -5.86
N ALA A 249 9.43 5.55 -7.11
CA ALA A 249 10.36 5.60 -8.23
C ALA A 249 11.32 6.79 -8.14
N VAL A 250 10.81 7.92 -7.65
CA VAL A 250 11.61 9.13 -7.46
C VAL A 250 12.75 8.91 -6.45
N ALA A 251 12.45 8.16 -5.39
CA ALA A 251 13.43 7.83 -4.35
C ALA A 251 14.77 7.36 -4.92
N SER A 252 14.74 6.29 -5.72
CA SER A 252 15.96 5.75 -6.32
C SER A 252 16.68 6.74 -7.23
N ILE A 253 15.91 7.54 -7.97
CA ILE A 253 16.49 8.54 -8.87
C ILE A 253 17.21 9.64 -8.08
N VAL A 254 16.62 10.03 -6.95
CA VAL A 254 17.20 11.05 -6.07
C VAL A 254 18.55 10.62 -5.47
N LEU A 255 18.59 9.40 -4.92
CA LEU A 255 19.82 8.82 -4.36
C LEU A 255 20.91 8.79 -5.43
N ASP A 256 20.49 8.49 -6.66
CA ASP A 256 21.34 8.56 -7.86
C ASP A 256 22.54 7.61 -7.82
N PRO A 257 22.30 6.28 -7.80
CA PRO A 257 23.39 5.32 -7.83
C PRO A 257 24.05 5.23 -9.20
N LYS A 258 25.37 5.10 -9.22
CA LYS A 258 26.12 5.04 -10.47
C LYS A 258 26.65 3.62 -10.74
N PRO A 259 26.71 3.23 -12.03
CA PRO A 259 27.27 1.94 -12.43
C PRO A 259 28.64 1.67 -11.80
N GLY A 260 28.81 0.47 -11.25
CA GLY A 260 30.08 0.07 -10.65
C GLY A 260 30.19 0.34 -9.16
N GLU A 261 29.27 1.15 -8.63
CA GLU A 261 29.26 1.49 -7.21
C GLU A 261 28.74 0.33 -6.36
N THR A 262 29.07 0.35 -5.08
CA THR A 262 28.52 -0.61 -4.13
C THR A 262 27.41 0.06 -3.33
N VAL A 263 26.20 -0.47 -3.47
CA VAL A 263 25.00 0.13 -2.89
C VAL A 263 24.34 -0.82 -1.90
N VAL A 264 23.72 -0.24 -0.87
CA VAL A 264 22.96 -1.01 0.11
C VAL A 264 21.50 -0.57 0.14
N ASP A 265 20.59 -1.54 0.06
CA ASP A 265 19.17 -1.32 0.28
C ASP A 265 18.84 -2.00 1.60
N LEU A 266 18.73 -1.19 2.66
CA LEU A 266 18.71 -1.70 4.04
C LEU A 266 17.39 -2.38 4.42
N ALA A 267 16.30 -1.95 3.80
CA ALA A 267 15.01 -2.64 3.90
C ALA A 267 14.44 -2.74 2.49
N ALA A 268 14.60 -3.92 1.88
CA ALA A 268 14.54 -4.05 0.42
C ALA A 268 13.29 -4.70 -0.17
N ALA A 269 12.79 -5.75 0.48
CA ALA A 269 11.67 -6.55 -0.06
C ALA A 269 10.34 -5.78 -0.05
N PRO A 270 9.47 -6.03 -1.05
CA PRO A 270 9.54 -7.00 -2.15
C PRO A 270 10.49 -6.62 -3.28
N GLY A 271 11.06 -5.41 -3.23
CA GLY A 271 12.13 -5.04 -4.15
C GLY A 271 11.82 -4.03 -5.24
N GLY A 272 10.80 -3.19 -5.00
CA GLY A 272 10.46 -2.14 -5.95
C GLY A 272 11.59 -1.17 -6.20
N LYS A 273 12.25 -0.76 -5.11
CA LYS A 273 13.32 0.22 -5.21
C LYS A 273 14.69 -0.39 -5.52
N THR A 274 14.98 -1.55 -4.94
CA THR A 274 16.26 -2.22 -5.20
C THR A 274 16.39 -2.68 -6.65
N THR A 275 15.27 -3.07 -7.25
CA THR A 275 15.24 -3.42 -8.67
C THR A 275 15.40 -2.16 -9.56
N HIS A 276 14.95 -1.02 -9.04
CA HIS A 276 15.11 0.28 -9.72
C HIS A 276 16.54 0.78 -9.63
N LEU A 277 17.18 0.58 -8.48
CA LEU A 277 18.57 0.96 -8.26
C LEU A 277 19.48 0.26 -9.27
N ALA A 278 19.19 -1.02 -9.54
CA ALA A 278 19.94 -1.81 -10.50
C ALA A 278 19.82 -1.29 -11.94
N GLU A 279 18.65 -0.75 -12.29
CA GLU A 279 18.42 -0.12 -13.59
C GLU A 279 19.31 1.10 -13.77
N LEU A 280 19.37 1.94 -12.73
CA LEU A 280 20.17 3.16 -12.74
C LEU A 280 21.66 2.87 -12.75
N MET A 281 22.05 1.74 -12.18
CA MET A 281 23.45 1.29 -12.20
C MET A 281 23.73 0.49 -13.46
N LYS A 282 22.71 0.37 -14.32
CA LYS A 282 22.79 -0.33 -15.60
C LYS A 282 23.36 -1.74 -15.47
N ASN A 283 22.86 -2.47 -14.47
CA ASN A 283 23.24 -3.87 -14.20
C ASN A 283 24.74 -4.07 -13.96
N LYS A 284 25.38 -3.07 -13.36
CA LYS A 284 26.81 -3.12 -13.02
C LYS A 284 27.05 -2.58 -11.61
N GLY A 285 27.94 -3.26 -10.87
CA GLY A 285 28.19 -2.93 -9.47
C GLY A 285 27.68 -4.02 -8.54
N LYS A 286 27.26 -3.61 -7.34
CA LYS A 286 26.76 -4.55 -6.33
C LYS A 286 25.70 -3.92 -5.43
N ILE A 287 24.62 -4.67 -5.19
CA ILE A 287 23.58 -4.24 -4.26
C ILE A 287 23.36 -5.29 -3.17
N TYR A 288 23.57 -4.88 -1.92
CA TYR A 288 23.24 -5.71 -0.77
C TYR A 288 21.81 -5.40 -0.33
N ALA A 289 20.96 -6.42 -0.37
CA ALA A 289 19.54 -6.25 -0.06
C ALA A 289 19.12 -6.99 1.21
N PHE A 290 18.83 -6.23 2.26
CA PHE A 290 18.47 -6.79 3.56
C PHE A 290 16.96 -6.77 3.79
N ASP A 291 16.45 -7.87 4.35
CA ASP A 291 15.05 -7.95 4.81
C ASP A 291 14.85 -9.12 5.76
N VAL A 292 14.16 -8.87 6.88
CA VAL A 292 13.90 -9.90 7.89
C VAL A 292 12.85 -10.91 7.46
N ASP A 293 11.97 -10.50 6.54
CA ASP A 293 10.88 -11.34 6.07
C ASP A 293 11.32 -12.24 4.93
N LYS A 294 11.34 -13.54 5.19
CA LYS A 294 11.76 -14.55 4.21
C LYS A 294 10.76 -14.68 3.07
N MET A 295 9.48 -14.50 3.40
CA MET A 295 8.39 -14.66 2.45
C MET A 295 8.27 -13.44 1.51
N ARG A 296 8.75 -12.29 1.96
CA ARG A 296 8.80 -11.09 1.14
C ARG A 296 10.06 -11.10 0.30
N MET A 297 11.12 -11.70 0.84
CA MET A 297 12.42 -11.79 0.15
C MET A 297 12.34 -12.72 -1.07
N LYS A 298 11.53 -13.76 -0.98
CA LYS A 298 11.36 -14.70 -2.10
C LYS A 298 10.69 -14.03 -3.31
N ARG A 299 9.90 -12.99 -3.05
CA ARG A 299 9.31 -12.19 -4.13
C ARG A 299 10.39 -11.36 -4.82
N LEU A 300 11.30 -10.80 -4.03
CA LEU A 300 12.45 -10.03 -4.54
C LEU A 300 13.34 -10.90 -5.42
N LYS A 301 13.60 -12.13 -4.99
CA LYS A 301 14.40 -13.08 -5.78
C LYS A 301 13.68 -13.43 -7.09
N ASP A 302 12.35 -13.55 -7.03
CA ASP A 302 11.54 -13.80 -8.21
C ASP A 302 11.59 -12.63 -9.20
N PHE A 303 11.52 -11.41 -8.69
CA PHE A 303 11.63 -10.21 -9.51
C PHE A 303 13.02 -10.06 -10.15
N VAL A 304 14.05 -10.17 -9.31
CA VAL A 304 15.45 -9.98 -9.74
C VAL A 304 15.81 -10.78 -11.00
N LYS A 305 15.57 -12.09 -10.98
CA LYS A 305 15.95 -12.95 -12.10
C LYS A 305 15.03 -12.78 -13.31
N ARG A 306 13.74 -12.53 -13.06
CA ARG A 306 12.74 -12.32 -14.11
C ARG A 306 12.99 -10.99 -14.84
N MET A 307 13.48 -10.00 -14.10
CA MET A 307 13.78 -8.68 -14.66
C MET A 307 15.22 -8.57 -15.17
N GLY A 308 15.95 -9.68 -15.12
CA GLY A 308 17.31 -9.75 -15.66
C GLY A 308 18.38 -9.08 -14.82
N ILE A 309 18.06 -8.79 -13.57
CA ILE A 309 19.03 -8.23 -12.62
C ILE A 309 20.02 -9.33 -12.21
N LYS A 310 21.29 -8.96 -12.09
CA LYS A 310 22.34 -9.93 -11.77
C LYS A 310 23.39 -9.43 -10.76
N ILE A 311 23.18 -8.23 -10.21
CA ILE A 311 24.13 -7.61 -9.30
C ILE A 311 23.63 -7.52 -7.86
N VAL A 312 22.52 -8.17 -7.57
CA VAL A 312 21.90 -8.11 -6.25
C VAL A 312 22.22 -9.35 -5.41
N LYS A 313 22.81 -9.11 -4.24
CA LYS A 313 23.07 -10.17 -3.28
C LYS A 313 22.08 -10.03 -2.12
N PRO A 314 21.07 -10.93 -2.09
CA PRO A 314 20.04 -10.87 -1.05
C PRO A 314 20.50 -11.48 0.28
N LEU A 315 20.14 -10.81 1.38
CA LEU A 315 20.55 -11.24 2.72
C LEU A 315 19.38 -11.17 3.71
N VAL A 316 18.85 -12.33 4.06
CA VAL A 316 17.73 -12.44 5.00
C VAL A 316 18.24 -12.31 6.43
N LYS A 317 18.59 -11.08 6.82
CA LYS A 317 19.12 -10.79 8.16
C LYS A 317 18.57 -9.48 8.69
N ASP A 318 18.71 -9.28 10.00
CA ASP A 318 18.38 -8.02 10.65
C ASP A 318 19.31 -6.92 10.14
N ALA A 319 18.73 -5.79 9.77
CA ALA A 319 19.49 -4.69 9.17
C ALA A 319 20.17 -3.79 10.19
N ARG A 320 19.91 -4.02 11.47
CA ARG A 320 20.67 -3.37 12.54
C ARG A 320 22.06 -3.99 12.63
N LYS A 321 22.17 -5.26 12.26
CA LYS A 321 23.44 -5.91 11.96
C LYS A 321 23.88 -5.42 10.58
N ALA A 322 25.18 -5.50 10.29
CA ALA A 322 25.79 -4.81 9.15
C ALA A 322 25.74 -3.31 9.43
N PRO A 323 26.86 -2.71 9.88
CA PRO A 323 28.25 -3.19 9.99
C PRO A 323 28.45 -4.56 10.63
N GLU A 324 29.68 -5.09 10.50
CA GLU A 324 30.05 -6.47 10.89
C GLU A 324 29.15 -7.59 10.34
N ILE A 325 28.66 -7.39 9.12
CA ILE A 325 28.08 -8.45 8.29
C ILE A 325 28.66 -8.28 6.89
N ILE A 326 28.67 -7.03 6.41
CA ILE A 326 29.21 -6.70 5.09
C ILE A 326 30.40 -5.73 5.20
N GLY A 327 30.54 -5.11 6.37
CA GLY A 327 31.65 -4.18 6.63
C GLY A 327 31.20 -2.86 7.23
N GLU A 328 32.17 -2.07 7.67
CA GLU A 328 31.90 -0.75 8.25
C GLU A 328 31.57 0.25 7.13
N GLU A 329 32.53 1.12 6.79
CA GLU A 329 32.34 2.13 5.75
C GLU A 329 32.59 1.53 4.36
N VAL A 330 31.62 0.75 3.88
CA VAL A 330 31.78 -0.04 2.66
C VAL A 330 30.81 0.37 1.53
N ALA A 331 29.83 1.21 1.85
CA ALA A 331 28.79 1.58 0.88
C ALA A 331 28.98 2.97 0.30
N ASP A 332 29.04 3.04 -1.03
CA ASP A 332 29.09 4.31 -1.76
C ASP A 332 27.83 5.11 -1.51
N LYS A 333 26.69 4.42 -1.47
CA LYS A 333 25.42 5.00 -1.08
C LYS A 333 24.46 3.95 -0.57
N VAL A 334 23.66 4.33 0.42
CA VAL A 334 22.67 3.44 1.02
C VAL A 334 21.27 4.04 0.94
N LEU A 335 20.31 3.19 0.59
CA LEU A 335 18.90 3.55 0.65
C LEU A 335 18.26 2.90 1.86
N LEU A 336 17.66 3.73 2.70
CA LEU A 336 16.83 3.22 3.79
C LEU A 336 15.38 3.61 3.53
N ASP A 337 14.68 2.73 2.82
CA ASP A 337 13.24 2.86 2.64
C ASP A 337 12.62 2.16 3.85
N ALA A 338 12.54 2.91 4.94
CA ALA A 338 12.30 2.36 6.28
C ALA A 338 10.93 1.74 6.44
N PRO A 339 10.85 0.62 7.18
CA PRO A 339 9.54 0.13 7.60
C PRO A 339 8.83 1.24 8.36
N CYS A 340 7.54 1.44 8.08
CA CYS A 340 6.82 2.56 8.64
C CYS A 340 5.33 2.26 8.81
N THR A 341 4.58 3.25 9.28
CA THR A 341 3.14 3.13 9.50
C THR A 341 2.33 2.95 8.21
N SER A 342 2.87 3.45 7.10
CA SER A 342 2.20 3.42 5.78
C SER A 342 1.02 4.40 5.67
N SER A 343 0.94 5.36 6.59
CA SER A 343 -0.17 6.31 6.65
C SER A 343 -0.39 7.09 5.35
N GLY A 344 0.69 7.30 4.59
CA GLY A 344 0.62 7.96 3.30
C GLY A 344 -0.01 7.12 2.21
N THR A 345 -0.23 5.84 2.49
CA THR A 345 -0.78 4.92 1.49
C THR A 345 -2.27 4.61 1.69
N ILE A 346 -2.94 5.40 2.52
CA ILE A 346 -4.36 5.12 2.86
C ILE A 346 -5.36 5.34 1.71
N GLY A 347 -4.90 5.91 0.60
CA GLY A 347 -5.70 5.99 -0.62
C GLY A 347 -5.61 4.70 -1.41
N LYS A 348 -4.43 4.09 -1.37
CA LYS A 348 -4.14 2.85 -2.10
C LYS A 348 -4.60 1.62 -1.31
N ASN A 349 -4.31 1.59 0.00
CA ASN A 349 -4.79 0.53 0.88
C ASN A 349 -5.67 1.15 1.96
N PRO A 350 -6.95 1.40 1.63
CA PRO A 350 -7.80 2.23 2.46
C PRO A 350 -8.00 1.72 3.89
N GLU A 351 -7.99 0.40 4.08
CA GLU A 351 -8.25 -0.20 5.40
C GLU A 351 -7.19 0.13 6.45
N LEU A 352 -6.00 0.54 6.02
CA LEU A 352 -4.92 0.88 6.92
C LEU A 352 -5.26 2.01 7.90
N ARG A 353 -6.10 2.94 7.44
CA ARG A 353 -6.55 4.05 8.28
C ARG A 353 -7.24 3.56 9.56
N TRP A 354 -7.82 2.35 9.50
CA TRP A 354 -8.53 1.78 10.64
C TRP A 354 -7.66 0.84 11.49
N ARG A 355 -6.64 0.26 10.87
CA ARG A 355 -5.75 -0.69 11.55
C ARG A 355 -4.59 -0.01 12.27
N LEU A 356 -4.30 1.24 11.88
CA LEU A 356 -3.20 2.01 12.47
C LEU A 356 -3.44 2.45 13.91
N ARG A 357 -2.38 2.39 14.70
CA ARG A 357 -2.39 2.75 16.11
C ARG A 357 -1.32 3.84 16.39
N GLU A 358 -1.28 4.36 17.61
CA GLU A 358 -0.62 5.66 17.91
C GLU A 358 0.91 5.86 18.22
N ASP A 359 1.69 4.96 18.84
CA ASP A 359 1.35 3.68 19.47
C ASP A 359 0.59 2.71 18.56
N LYS A 360 1.19 2.28 17.44
CA LYS A 360 2.64 2.16 17.25
C LYS A 360 3.35 3.10 16.26
N ILE A 361 3.04 4.40 16.31
CA ILE A 361 3.83 5.39 15.54
C ILE A 361 5.23 5.51 16.16
N ASN A 362 5.29 5.56 17.48
CA ASN A 362 6.56 5.70 18.20
C ASN A 362 7.41 4.44 18.17
N GLU A 363 6.73 3.28 18.11
CA GLU A 363 7.37 1.99 17.98
C GLU A 363 8.11 1.88 16.64
N MET A 364 7.48 2.34 15.57
CA MET A 364 8.11 2.40 14.25
C MET A 364 9.22 3.45 14.23
N SER A 365 8.98 4.57 14.91
CA SER A 365 9.96 5.66 15.00
C SER A 365 11.29 5.22 15.60
N GLN A 366 11.23 4.39 16.65
CA GLN A 366 12.44 3.87 17.30
C GLN A 366 13.21 2.90 16.39
N LEU A 367 12.47 2.06 15.66
CA LEU A 367 13.08 1.11 14.73
C LEU A 367 13.79 1.81 13.58
N GLN A 368 13.19 2.90 13.10
CA GLN A 368 13.79 3.72 12.04
C GLN A 368 15.11 4.35 12.49
N ARG A 369 15.14 4.82 13.73
CA ARG A 369 16.34 5.43 14.31
C ARG A 369 17.51 4.46 14.42
N GLU A 370 17.25 3.22 14.82
CA GLU A 370 18.31 2.22 14.96
C GLU A 370 18.75 1.62 13.62
N LEU A 371 17.86 1.66 12.63
CA LEU A 371 18.25 1.34 11.26
C LEU A 371 19.05 2.51 10.68
N LEU A 372 18.66 3.73 11.05
CA LEU A 372 19.32 4.95 10.62
C LEU A 372 20.76 5.03 11.14
N GLU A 373 20.95 4.62 12.40
CA GLU A 373 22.28 4.53 13.00
C GLU A 373 23.11 3.44 12.34
N SER A 374 22.44 2.34 11.97
CA SER A 374 23.07 1.25 11.23
C SER A 374 23.45 1.70 9.81
N ALA A 375 22.60 2.55 9.22
CA ALA A 375 22.86 3.10 7.88
C ALA A 375 24.06 4.04 7.90
N ALA A 376 24.09 4.95 8.87
CA ALA A 376 25.15 5.94 9.01
C ALA A 376 26.53 5.33 8.94
N ARG A 377 26.71 4.23 9.67
CA ARG A 377 28.01 3.58 9.81
C ARG A 377 28.42 2.77 8.56
N LEU A 378 27.48 2.58 7.64
CA LEU A 378 27.75 1.89 6.37
C LEU A 378 28.27 2.82 5.28
N VAL A 379 27.98 4.12 5.42
CA VAL A 379 28.29 5.12 4.41
C VAL A 379 29.78 5.48 4.40
N LYS A 380 30.37 5.51 3.21
CA LYS A 380 31.73 6.00 3.00
C LYS A 380 31.79 7.51 3.24
N PRO A 381 32.98 8.04 3.60
CA PRO A 381 33.15 9.50 3.78
C PRO A 381 32.53 10.34 2.66
N GLY A 382 32.76 9.96 1.40
CA GLY A 382 32.17 10.66 0.26
C GLY A 382 30.74 10.27 -0.06
N GLY A 383 30.23 9.23 0.62
CA GLY A 383 28.95 8.62 0.27
C GLY A 383 27.69 9.38 0.63
N ARG A 384 26.55 8.81 0.24
CA ARG A 384 25.23 9.42 0.48
C ARG A 384 24.21 8.45 1.06
N LEU A 385 23.34 8.98 1.92
CA LEU A 385 22.28 8.21 2.54
C LEU A 385 20.94 8.84 2.18
N LEU A 386 20.01 8.03 1.67
CA LEU A 386 18.64 8.50 1.48
C LEU A 386 17.70 7.76 2.42
N TYR A 387 16.97 8.55 3.20
CA TYR A 387 15.96 8.02 4.09
C TYR A 387 14.58 8.34 3.52
N THR A 388 13.75 7.32 3.36
CA THR A 388 12.38 7.50 2.90
C THR A 388 11.41 6.66 3.71
N THR A 389 10.22 7.21 3.91
CA THR A 389 9.06 6.45 4.38
C THR A 389 7.87 6.79 3.49
N CYS A 390 6.85 5.93 3.51
CA CYS A 390 5.57 6.28 2.92
C CYS A 390 4.59 6.61 4.04
N SER A 391 5.07 7.43 4.97
CA SER A 391 4.28 7.90 6.10
C SER A 391 4.18 9.43 6.04
N ILE A 392 3.08 9.96 6.58
CA ILE A 392 2.87 11.41 6.59
C ILE A 392 3.19 12.03 7.95
N PHE A 393 3.50 11.19 8.94
CA PHE A 393 3.73 11.65 10.30
C PHE A 393 5.12 12.23 10.49
N LYS A 394 5.18 13.38 11.16
CA LYS A 394 6.45 14.05 11.47
C LYS A 394 7.35 13.17 12.33
N GLU A 395 6.75 12.40 13.24
CA GLU A 395 7.47 11.50 14.14
C GLU A 395 8.38 10.50 13.44
N GLU A 396 7.96 10.04 12.26
CA GLU A 396 8.72 9.08 11.48
C GLU A 396 9.65 9.75 10.49
N ASN A 397 9.44 11.04 10.29
CA ASN A 397 10.11 11.78 9.22
C ASN A 397 11.05 12.89 9.71
N GLU A 398 10.54 14.12 9.79
CA GLU A 398 11.33 15.29 10.16
C GLU A 398 11.97 15.17 11.55
N LYS A 399 11.23 14.56 12.47
CA LYS A 399 11.71 14.31 13.84
C LYS A 399 12.90 13.35 13.84
N ASN A 400 12.82 12.28 13.04
CA ASN A 400 13.89 11.30 12.93
C ASN A 400 15.16 11.84 12.24
N ILE A 401 15.01 12.86 11.41
CA ILE A 401 16.14 13.47 10.72
C ILE A 401 16.83 14.52 11.60
N ARG A 402 16.03 15.32 12.31
CA ARG A 402 16.57 16.28 13.28
C ARG A 402 17.39 15.58 14.36
N TRP A 403 16.93 14.41 14.78
CA TRP A 403 17.67 13.57 15.71
C TRP A 403 18.98 13.09 15.09
N PHE A 404 18.91 12.64 13.83
CA PHE A 404 20.06 12.13 13.11
C PHE A 404 21.14 13.20 12.93
N LEU A 405 20.73 14.42 12.63
CA LEU A 405 21.65 15.55 12.47
C LEU A 405 22.24 16.03 13.79
N ASN A 406 21.59 15.65 14.89
CA ASN A 406 22.07 15.99 16.23
C ASN A 406 23.12 15.02 16.76
N VAL A 407 22.85 13.72 16.62
CA VAL A 407 23.77 12.69 17.12
C VAL A 407 24.92 12.41 16.12
N HIS A 408 24.58 12.32 14.84
CA HIS A 408 25.60 12.27 13.78
C HIS A 408 25.82 13.71 13.30
N PRO A 409 27.06 14.22 13.39
CA PRO A 409 28.42 13.73 13.24
C PRO A 409 28.66 12.36 12.57
N GLU A 410 29.02 12.41 11.29
CA GLU A 410 29.02 13.67 10.57
C GLU A 410 28.33 13.61 9.21
N PHE A 411 27.02 13.84 9.22
CA PHE A 411 26.23 13.97 8.02
C PHE A 411 25.69 15.39 7.90
N LYS A 412 25.33 15.77 6.67
CA LYS A 412 24.58 17.00 6.43
C LYS A 412 23.50 16.80 5.36
N LEU A 413 22.44 17.60 5.46
CA LEU A 413 21.28 17.46 4.59
C LEU A 413 21.55 18.08 3.22
N VAL A 414 21.43 17.26 2.17
CA VAL A 414 21.57 17.72 0.79
C VAL A 414 20.19 18.19 0.32
N PRO A 415 20.06 19.50 0.01
CA PRO A 415 18.77 20.11 -0.32
C PRO A 415 18.08 19.43 -1.49
N LEU A 416 16.77 19.21 -1.35
CA LEU A 416 15.95 18.57 -2.37
C LEU A 416 14.81 19.49 -2.81
N LYS A 417 14.58 19.58 -4.12
CA LYS A 417 13.46 20.36 -4.66
C LYS A 417 12.57 19.55 -5.60
N SER A 418 13.16 18.88 -6.58
CA SER A 418 12.38 18.14 -7.58
C SER A 418 12.04 16.72 -7.15
N PRO A 419 10.83 16.24 -7.52
CA PRO A 419 9.78 16.97 -8.22
C PRO A 419 8.63 17.44 -7.32
N TYR A 420 8.73 17.20 -6.02
CA TYR A 420 7.62 17.46 -5.12
C TYR A 420 7.81 18.73 -4.28
N ASP A 421 7.27 18.73 -3.07
CA ASP A 421 7.22 19.92 -2.23
C ASP A 421 8.19 19.86 -1.04
N PRO A 422 8.47 21.02 -0.41
CA PRO A 422 9.33 21.02 0.77
C PRO A 422 8.67 20.33 1.96
N GLY A 423 9.47 19.62 2.74
CA GLY A 423 9.01 19.05 4.01
C GLY A 423 9.04 20.11 5.10
N PHE A 424 8.86 19.69 6.35
CA PHE A 424 8.82 20.63 7.47
C PHE A 424 10.20 20.99 7.99
N LEU A 425 11.20 20.24 7.54
CA LEU A 425 12.61 20.60 7.72
C LEU A 425 13.17 20.96 6.34
N GLU A 426 13.76 22.13 6.21
CA GLU A 426 14.25 22.60 4.90
C GLU A 426 15.36 21.73 4.35
N GLY A 427 15.19 21.30 3.09
CA GLY A 427 16.11 20.38 2.45
C GLY A 427 15.49 19.01 2.25
N THR A 428 14.42 18.74 2.99
CA THR A 428 13.66 17.50 2.85
C THR A 428 12.46 17.70 1.93
N MET A 429 11.98 16.60 1.37
CA MET A 429 10.92 16.65 0.38
C MET A 429 9.75 15.75 0.76
N ARG A 430 8.53 16.23 0.49
CA ARG A 430 7.32 15.46 0.73
C ARG A 430 6.42 15.40 -0.49
N ALA A 431 5.85 14.22 -0.73
CA ALA A 431 4.79 14.04 -1.72
C ALA A 431 3.47 13.90 -0.98
N TRP A 432 2.41 14.43 -1.59
CA TRP A 432 1.07 14.39 -1.02
C TRP A 432 0.05 13.93 -2.06
N PRO A 433 -0.91 13.06 -1.65
CA PRO A 433 -1.95 12.58 -2.55
C PRO A 433 -2.78 13.69 -3.18
N HIS A 434 -3.17 14.69 -2.39
CA HIS A 434 -4.03 15.77 -2.84
C HIS A 434 -3.30 16.83 -3.67
N ARG A 435 -1.97 16.86 -3.58
CA ARG A 435 -1.15 17.77 -4.38
C ARG A 435 -0.55 17.11 -5.62
N HIS A 436 -0.21 15.82 -5.52
CA HIS A 436 0.63 15.19 -6.54
C HIS A 436 0.06 13.92 -7.18
N SER A 437 -1.08 13.45 -6.68
CA SER A 437 -1.70 12.21 -7.19
C SER A 437 -0.79 10.99 -7.12
N THR A 438 0.00 10.94 -6.06
CA THR A 438 0.78 9.75 -5.70
C THR A 438 0.60 9.56 -4.20
N ILE A 439 1.17 8.49 -3.64
CA ILE A 439 1.10 8.25 -2.19
C ILE A 439 1.85 9.32 -1.38
N GLY A 440 1.43 9.51 -0.13
CA GLY A 440 2.17 10.36 0.81
C GLY A 440 3.57 9.78 1.03
N PHE A 441 4.58 10.63 0.90
CA PHE A 441 5.96 10.15 0.92
C PHE A 441 6.91 11.18 1.52
N PHE A 442 8.05 10.71 2.00
CA PHE A 442 9.05 11.58 2.61
C PHE A 442 10.45 11.22 2.12
N TYR A 443 11.26 12.24 1.87
CA TYR A 443 12.62 12.08 1.36
C TYR A 443 13.60 12.88 2.21
N ALA A 444 14.72 12.26 2.58
CA ALA A 444 15.81 12.95 3.25
C ALA A 444 17.14 12.44 2.72
N LEU A 445 17.84 13.30 1.98
CA LEU A 445 19.14 12.96 1.41
C LEU A 445 20.27 13.48 2.29
N LEU A 446 21.19 12.60 2.62
CA LEU A 446 22.25 12.88 3.58
C LEU A 446 23.59 12.46 3.01
N GLU A 447 24.63 13.24 3.28
CA GLU A 447 25.99 12.82 2.94
C GLU A 447 26.97 13.15 4.06
N LYS A 448 28.02 12.36 4.17
CA LYS A 448 29.10 12.62 5.11
C LYS A 448 29.95 13.78 4.62
N SFG B . 11.95 -0.80 -0.05
CA SFG B . 10.91 -1.82 -0.31
C SFG B . 10.43 -1.70 -1.77
O SFG B . 9.92 -2.72 -2.29
OXT SFG B . 10.57 -0.61 -2.35
CB SFG B . 9.75 -1.68 0.69
CG SFG B . 10.22 -1.98 2.13
CD SFG B . 9.08 -1.94 3.15
NE SFG B . 8.54 -0.58 3.19
C5' SFG B . 9.56 -2.30 4.58
C4' SFG B . 10.34 -3.63 4.67
O4' SFG B . 11.24 -3.48 5.81
C3' SFG B . 9.47 -4.86 5.00
O3' SFG B . 9.63 -5.83 3.96
C2' SFG B . 10.03 -5.39 6.33
O2' SFG B . 10.09 -6.82 6.33
C1' SFG B . 11.44 -4.82 6.31
N9 SFG B . 12.09 -4.71 7.65
C8 SFG B . 11.53 -4.26 8.78
N7 SFG B . 12.42 -4.30 9.77
C5 SFG B . 13.55 -4.79 9.28
C6 SFG B . 14.80 -5.06 9.83
N6 SFG B . 15.05 -4.83 11.12
N1 SFG B . 15.77 -5.56 9.03
C2 SFG B . 15.54 -5.79 7.74
N3 SFG B . 14.36 -5.54 7.19
C4 SFG B . 13.34 -5.04 7.93
#